data_6TX6
#
_entry.id   6TX6
#
_cell.length_a   42.407
_cell.length_b   54.372
_cell.length_c   56.738
_cell.angle_alpha   90.000
_cell.angle_beta   90.000
_cell.angle_gamma   90.000
#
_symmetry.space_group_name_H-M   'P 21 21 21'
#
loop_
_entity.id
_entity.type
_entity.pdbx_description
1 polymer 'Peptidyl-prolyl cis-trans isomerase FKBP5'
2 non-polymer 'CHLORIDE ION'
3 non-polymer 'SODIUM ION'
4 non-polymer NICOTINAMIDE
5 water water
#
_entity_poly.entity_id   1
_entity_poly.type   'polypeptide(L)'
_entity_poly.pdbx_seq_one_letter_code
;GAPATVTEQGEDITSKKDRGVLKIVKRVGNGEETPMIGDKVYVHYKGKLSNGKKFDSSHDRNEPFVFSLGKGQVIKAWDI
GVATMKKGEICHLLCKPEYAYGSAGSLPKIPSNATLFFEIELLDFKGE
;
_entity_poly.pdbx_strand_id   A
#
loop_
_chem_comp.id
_chem_comp.type
_chem_comp.name
_chem_comp.formula
CL non-polymer 'CHLORIDE ION' 'Cl -1'
NA non-polymer 'SODIUM ION' 'Na 1'
NCA non-polymer NICOTINAMIDE 'C6 H6 N2 O'
#
# COMPACT_ATOMS: atom_id res chain seq x y z
N GLY A 1 6.77 -17.44 2.52
CA GLY A 1 6.65 -16.67 1.28
C GLY A 1 6.68 -15.18 1.59
N ALA A 2 6.40 -14.37 0.57
CA ALA A 2 6.50 -12.93 0.74
C ALA A 2 5.58 -12.40 1.85
N PRO A 3 4.33 -12.84 2.01
CA PRO A 3 3.52 -12.33 3.13
C PRO A 3 4.13 -12.63 4.48
N ALA A 4 4.62 -13.86 4.67
CA ALA A 4 5.26 -14.19 5.93
C ALA A 4 6.48 -13.31 6.17
N THR A 5 7.27 -13.08 5.12
CA THR A 5 8.48 -12.30 5.28
C THR A 5 8.18 -10.86 5.67
N VAL A 6 7.19 -10.22 5.06
CA VAL A 6 6.89 -8.85 5.48
C VAL A 6 6.28 -8.84 6.90
N THR A 7 5.51 -9.88 7.25
CA THR A 7 4.97 -9.97 8.60
C THR A 7 6.10 -10.00 9.62
N GLU A 8 7.13 -10.80 9.37
CA GLU A 8 8.18 -11.09 10.34
C GLU A 8 9.36 -10.15 10.24
N GLN A 9 9.56 -9.50 9.10
CA GLN A 9 10.77 -8.75 8.80
C GLN A 9 10.47 -7.34 8.30
N GLY A 10 9.21 -6.92 8.28
CA GLY A 10 8.86 -5.61 7.78
C GLY A 10 9.09 -4.50 8.80
N GLU A 11 9.13 -3.28 8.31
N GLU A 11 9.14 -3.29 8.29
CA GLU A 11 9.35 -2.11 9.13
CA GLU A 11 9.32 -2.09 9.08
C GLU A 11 8.02 -1.41 9.37
C GLU A 11 7.96 -1.47 9.38
N ASP A 12 7.72 -1.13 10.65
CA ASP A 12 6.52 -0.40 11.01
C ASP A 12 6.64 1.04 10.53
N ILE A 13 5.75 1.44 9.64
CA ILE A 13 5.76 2.79 9.07
C ILE A 13 4.65 3.66 9.64
N THR A 14 3.91 3.16 10.62
CA THR A 14 2.85 3.96 11.23
C THR A 14 3.41 5.04 12.14
N SER A 15 2.72 6.18 12.20
N SER A 15 2.73 6.19 12.18
CA SER A 15 3.11 7.21 13.16
CA SER A 15 3.10 7.20 13.16
C SER A 15 2.81 6.80 14.59
C SER A 15 2.89 6.69 14.57
N LYS A 16 1.80 5.95 14.80
CA LYS A 16 1.48 5.44 16.13
C LYS A 16 2.41 4.35 16.60
N LYS A 17 3.22 3.79 15.70
N LYS A 17 3.18 3.76 15.70
CA LYS A 17 4.08 2.67 16.02
CA LYS A 17 4.10 2.66 16.04
C LYS A 17 3.29 1.53 16.65
C LYS A 17 3.37 1.43 16.54
N ASP A 18 2.19 1.18 15.97
CA ASP A 18 1.31 0.12 16.41
C ASP A 18 1.40 -1.13 15.56
N ARG A 19 2.40 -1.17 14.66
N ARG A 19 2.38 -1.22 14.67
CA ARG A 19 2.66 -2.27 13.72
CA ARG A 19 2.58 -2.40 13.83
C ARG A 19 1.43 -2.61 12.88
C ARG A 19 1.48 -2.59 12.79
N GLY A 20 0.62 -1.60 12.59
CA GLY A 20 -0.55 -1.82 11.74
C GLY A 20 -0.26 -1.88 10.26
N VAL A 21 0.87 -1.30 9.84
CA VAL A 21 1.31 -1.33 8.46
C VAL A 21 2.81 -1.57 8.48
N LEU A 22 3.22 -2.70 7.92
CA LEU A 22 4.62 -3.09 7.83
C LEU A 22 5.04 -3.06 6.35
N LYS A 23 6.27 -2.61 6.10
CA LYS A 23 6.76 -2.40 4.76
C LYS A 23 8.13 -3.03 4.54
N ILE A 24 8.33 -3.58 3.34
CA ILE A 24 9.67 -3.90 2.83
C ILE A 24 9.80 -3.27 1.45
N VAL A 25 10.91 -2.56 1.22
CA VAL A 25 11.23 -2.05 -0.11
C VAL A 25 11.83 -3.20 -0.92
N LYS A 26 11.21 -3.52 -2.05
CA LYS A 26 11.65 -4.59 -2.94
C LYS A 26 12.49 -4.09 -4.11
N ARG A 27 12.09 -2.99 -4.73
CA ARG A 27 12.87 -2.33 -5.75
C ARG A 27 13.04 -0.88 -5.34
N VAL A 28 14.28 -0.45 -5.18
CA VAL A 28 14.59 0.93 -4.84
C VAL A 28 14.20 1.83 -6.00
N GLY A 29 13.52 2.92 -5.69
CA GLY A 29 13.11 3.89 -6.70
C GLY A 29 14.15 4.93 -6.98
N ASN A 30 13.69 6.02 -7.59
CA ASN A 30 14.55 7.05 -8.15
C ASN A 30 14.59 8.32 -7.30
N GLY A 31 15.80 8.80 -7.08
CA GLY A 31 15.93 10.06 -6.39
C GLY A 31 15.60 9.91 -4.93
N GLU A 32 15.17 11.01 -4.34
N GLU A 32 15.16 11.01 -4.35
CA GLU A 32 14.81 11.04 -2.93
CA GLU A 32 14.83 11.06 -2.93
C GLU A 32 13.35 11.46 -2.72
C GLU A 32 13.49 11.72 -2.65
N GLU A 33 12.73 12.10 -3.68
CA GLU A 33 11.45 12.75 -3.42
C GLU A 33 10.31 11.74 -3.31
N THR A 34 9.45 11.96 -2.34
CA THR A 34 8.21 11.24 -2.15
C THR A 34 7.06 12.16 -2.54
N PRO A 35 5.89 11.59 -2.84
N PRO A 35 5.89 11.59 -2.86
CA PRO A 35 4.77 12.43 -3.31
CA PRO A 35 4.78 12.43 -3.32
C PRO A 35 4.25 13.34 -2.20
C PRO A 35 4.36 13.42 -2.24
N MET A 36 3.66 14.43 -2.61
N MET A 36 3.58 14.39 -2.67
CA MET A 36 3.05 15.40 -1.70
CA MET A 36 3.01 15.40 -1.78
C MET A 36 1.58 15.08 -1.51
C MET A 36 1.54 15.07 -1.52
N ILE A 37 1.07 15.40 -0.31
CA ILE A 37 -0.36 15.37 -0.04
C ILE A 37 -1.11 16.04 -1.17
N GLY A 38 -2.15 15.37 -1.64
CA GLY A 38 -2.96 15.87 -2.72
C GLY A 38 -2.49 15.56 -4.11
N ASP A 39 -1.28 15.03 -4.26
CA ASP A 39 -0.79 14.70 -5.58
C ASP A 39 -1.65 13.56 -6.16
N LYS A 40 -1.79 13.59 -7.49
N LYS A 40 -1.78 13.58 -7.49
CA LYS A 40 -2.26 12.44 -8.23
CA LYS A 40 -2.29 12.42 -8.20
C LYS A 40 -1.13 11.41 -8.23
C LYS A 40 -1.18 11.40 -8.28
N VAL A 41 -1.42 10.22 -7.74
CA VAL A 41 -0.48 9.13 -7.72
C VAL A 41 -1.01 8.02 -8.60
N TYR A 42 -0.09 7.38 -9.31
CA TYR A 42 -0.38 6.32 -10.26
C TYR A 42 0.35 5.08 -9.76
N VAL A 43 -0.40 4.01 -9.46
CA VAL A 43 0.21 2.80 -8.93
C VAL A 43 -0.22 1.59 -9.74
N HIS A 44 0.65 0.59 -9.75
CA HIS A 44 0.27 -0.78 -10.09
C HIS A 44 0.35 -1.61 -8.81
N TYR A 45 -0.58 -2.54 -8.65
CA TYR A 45 -0.60 -3.31 -7.43
C TYR A 45 -1.22 -4.68 -7.65
N LYS A 46 -0.93 -5.55 -6.70
CA LYS A 46 -1.65 -6.81 -6.51
C LYS A 46 -1.90 -6.96 -5.02
N GLY A 47 -3.09 -7.49 -4.69
CA GLY A 47 -3.48 -7.73 -3.32
C GLY A 47 -3.84 -9.19 -3.08
N LYS A 48 -3.42 -9.73 -1.92
CA LYS A 48 -3.72 -11.08 -1.48
C LYS A 48 -4.31 -11.07 -0.08
N LEU A 49 -5.26 -11.96 0.15
CA LEU A 49 -5.76 -12.24 1.48
C LEU A 49 -4.80 -13.16 2.23
N SER A 50 -5.01 -13.26 3.54
N SER A 50 -5.03 -13.25 3.55
CA SER A 50 -4.18 -14.14 4.35
CA SER A 50 -4.25 -14.13 4.41
C SER A 50 -4.47 -15.62 4.12
C SER A 50 -4.44 -15.61 4.06
N ASN A 51 -5.50 -15.96 3.35
CA ASN A 51 -5.71 -17.33 2.90
C ASN A 51 -5.02 -17.63 1.58
N GLY A 52 -4.24 -16.68 1.07
CA GLY A 52 -3.47 -16.86 -0.13
C GLY A 52 -4.13 -16.43 -1.41
N LYS A 53 -5.42 -16.13 -1.39
CA LYS A 53 -6.12 -15.81 -2.63
C LYS A 53 -5.85 -14.37 -3.05
N LYS A 54 -5.58 -14.20 -4.35
CA LYS A 54 -5.52 -12.87 -4.95
C LYS A 54 -6.92 -12.29 -4.97
N PHE A 55 -7.08 -11.06 -4.52
CA PHE A 55 -8.38 -10.42 -4.60
C PHE A 55 -8.41 -9.24 -5.56
N ASP A 56 -7.27 -8.76 -6.05
CA ASP A 56 -7.27 -7.62 -6.95
C ASP A 56 -5.89 -7.51 -7.58
N SER A 57 -5.87 -6.94 -8.79
CA SER A 57 -4.64 -6.66 -9.53
C SER A 57 -4.92 -5.62 -10.60
N SER A 58 -4.17 -4.52 -10.57
CA SER A 58 -4.26 -3.56 -11.67
C SER A 58 -3.55 -4.07 -12.91
N HIS A 59 -2.50 -4.86 -12.76
CA HIS A 59 -1.82 -5.39 -13.93
C HIS A 59 -2.78 -6.15 -14.81
N ASP A 60 -3.69 -6.91 -14.19
CA ASP A 60 -4.65 -7.71 -14.95
C ASP A 60 -5.65 -6.87 -15.71
N ARG A 61 -5.81 -5.59 -15.34
CA ARG A 61 -6.67 -4.64 -16.02
C ARG A 61 -5.96 -3.83 -17.10
N ASN A 62 -4.63 -3.91 -17.17
CA ASN A 62 -3.88 -3.16 -18.15
C ASN A 62 -4.03 -1.65 -17.99
N GLU A 63 -4.22 -1.18 -16.76
N GLU A 63 -4.24 -1.18 -16.77
CA GLU A 63 -4.27 0.24 -16.47
CA GLU A 63 -4.19 0.25 -16.51
C GLU A 63 -3.87 0.43 -15.02
C GLU A 63 -3.94 0.47 -15.04
N PRO A 64 -3.23 1.53 -14.69
CA PRO A 64 -2.87 1.79 -13.31
C PRO A 64 -4.09 2.24 -12.52
N PHE A 65 -3.95 2.20 -11.22
CA PHE A 65 -4.93 2.77 -10.31
C PHE A 65 -4.44 4.16 -9.90
N VAL A 66 -5.35 5.12 -9.95
CA VAL A 66 -5.01 6.53 -9.77
C VAL A 66 -5.85 7.07 -8.62
N PHE A 67 -5.21 7.80 -7.71
CA PHE A 67 -5.93 8.44 -6.63
C PHE A 67 -5.16 9.67 -6.16
N SER A 68 -5.82 10.49 -5.35
N SER A 68 -5.82 10.49 -5.35
CA SER A 68 -5.18 11.67 -4.78
CA SER A 68 -5.20 11.67 -4.77
C SER A 68 -4.68 11.33 -3.38
C SER A 68 -4.68 11.31 -3.37
N LEU A 69 -3.39 11.49 -3.16
CA LEU A 69 -2.76 11.00 -1.95
C LEU A 69 -3.21 11.76 -0.70
N GLY A 70 -3.45 11.03 0.38
CA GLY A 70 -3.67 11.64 1.67
C GLY A 70 -5.05 12.19 1.91
N LYS A 71 -6.01 11.75 1.12
CA LYS A 71 -7.37 12.24 1.14
C LYS A 71 -8.39 11.18 1.56
N GLY A 72 -7.95 9.99 1.95
CA GLY A 72 -8.90 8.97 2.35
C GLY A 72 -9.66 8.36 1.19
N GLN A 73 -9.12 8.44 -0.03
CA GLN A 73 -9.76 7.83 -1.19
C GLN A 73 -9.46 6.35 -1.29
N VAL A 74 -8.51 5.87 -0.49
CA VAL A 74 -8.05 4.49 -0.43
C VAL A 74 -7.95 4.15 1.05
N ILE A 75 -7.71 2.87 1.34
CA ILE A 75 -7.52 2.46 2.72
C ILE A 75 -6.34 3.20 3.34
N LYS A 76 -6.39 3.32 4.67
N LYS A 76 -6.39 3.31 4.66
CA LYS A 76 -5.38 4.08 5.36
CA LYS A 76 -5.38 4.09 5.37
C LYS A 76 -3.98 3.56 5.06
C LYS A 76 -3.97 3.57 5.09
N ALA A 77 -3.82 2.24 5.00
CA ALA A 77 -2.48 1.69 4.76
C ALA A 77 -1.88 2.18 3.45
N TRP A 78 -2.73 2.40 2.44
CA TRP A 78 -2.23 2.92 1.16
C TRP A 78 -1.86 4.40 1.25
N ASP A 79 -2.69 5.21 1.91
CA ASP A 79 -2.29 6.62 2.08
C ASP A 79 -0.96 6.70 2.81
N ILE A 80 -0.83 5.94 3.93
N ILE A 80 -0.80 5.94 3.89
CA ILE A 80 0.39 5.91 4.73
CA ILE A 80 0.45 6.11 4.62
C ILE A 80 1.55 5.40 3.89
C ILE A 80 1.61 5.37 3.94
N GLY A 81 1.34 4.25 3.26
CA GLY A 81 2.40 3.53 2.60
C GLY A 81 2.89 4.20 1.33
N VAL A 82 1.98 4.63 0.46
CA VAL A 82 2.40 5.30 -0.76
C VAL A 82 3.13 6.60 -0.44
N ALA A 83 2.76 7.28 0.65
CA ALA A 83 3.46 8.50 1.02
C ALA A 83 4.94 8.26 1.30
N THR A 84 5.33 7.03 1.67
CA THR A 84 6.73 6.74 1.94
C THR A 84 7.54 6.40 0.70
N MET A 85 6.90 6.22 -0.45
CA MET A 85 7.54 5.66 -1.63
C MET A 85 8.15 6.73 -2.54
N LYS A 86 9.19 6.32 -3.27
N LYS A 86 9.19 6.31 -3.26
CA LYS A 86 9.79 7.12 -4.32
CA LYS A 86 9.81 7.09 -4.32
C LYS A 86 9.32 6.62 -5.68
C LYS A 86 9.27 6.63 -5.67
N LYS A 87 9.40 7.50 -6.68
CA LYS A 87 9.00 7.11 -8.03
C LYS A 87 9.81 5.90 -8.48
N GLY A 88 9.12 4.90 -9.02
CA GLY A 88 9.76 3.69 -9.47
C GLY A 88 9.96 2.65 -8.40
N GLU A 89 9.65 2.96 -7.14
CA GLU A 89 9.80 1.99 -6.07
C GLU A 89 8.74 0.92 -6.18
N ILE A 90 9.11 -0.31 -5.78
CA ILE A 90 8.17 -1.39 -5.53
C ILE A 90 8.33 -1.79 -4.08
N CYS A 91 7.22 -1.89 -3.35
CA CYS A 91 7.27 -2.35 -1.96
C CYS A 91 6.22 -3.41 -1.72
N HIS A 92 6.39 -4.08 -0.58
CA HIS A 92 5.39 -4.95 0.01
C HIS A 92 4.85 -4.28 1.27
N LEU A 93 3.53 -4.33 1.42
CA LEU A 93 2.84 -3.80 2.60
C LEU A 93 1.99 -4.89 3.22
N LEU A 94 2.08 -5.02 4.52
N LEU A 94 2.05 -5.02 4.53
CA LEU A 94 1.30 -5.98 5.30
CA LEU A 94 1.11 -5.82 5.29
C LEU A 94 0.44 -5.16 6.25
C LEU A 94 0.21 -4.86 6.06
N CYS A 95 -0.88 -5.21 6.03
N CYS A 95 -1.10 -5.05 5.96
CA CYS A 95 -1.83 -4.24 6.54
CA CYS A 95 -2.09 -4.10 6.44
C CYS A 95 -2.84 -4.92 7.45
C CYS A 95 -3.02 -4.80 7.42
N LYS A 96 -2.86 -4.53 8.72
CA LYS A 96 -3.85 -5.03 9.66
C LYS A 96 -5.21 -4.38 9.35
N PRO A 97 -6.31 -5.00 9.80
CA PRO A 97 -7.63 -4.52 9.36
C PRO A 97 -7.93 -3.10 9.78
N GLU A 98 -7.35 -2.62 10.88
CA GLU A 98 -7.58 -1.24 11.31
C GLU A 98 -7.04 -0.22 10.33
N TYR A 99 -6.15 -0.63 9.44
CA TYR A 99 -5.62 0.20 8.37
C TYR A 99 -6.13 -0.22 7.00
N ALA A 100 -7.16 -1.05 6.97
CA ALA A 100 -7.72 -1.61 5.76
C ALA A 100 -9.25 -1.52 5.85
N TYR A 101 -9.95 -2.64 5.80
CA TYR A 101 -11.41 -2.61 5.72
C TYR A 101 -12.09 -2.97 7.05
N GLY A 102 -11.32 -3.13 8.11
CA GLY A 102 -11.90 -3.24 9.44
C GLY A 102 -12.83 -4.42 9.61
N SER A 103 -13.80 -4.26 10.49
CA SER A 103 -14.81 -5.29 10.69
C SER A 103 -15.79 -5.38 9.53
N ALA A 104 -15.94 -4.32 8.73
CA ALA A 104 -16.92 -4.37 7.67
C ALA A 104 -16.50 -5.33 6.57
N GLY A 105 -15.21 -5.38 6.26
CA GLY A 105 -14.78 -6.04 5.06
C GLY A 105 -15.21 -5.25 3.83
N SER A 106 -15.10 -5.90 2.67
CA SER A 106 -15.50 -5.26 1.42
C SER A 106 -15.89 -6.33 0.43
N LEU A 107 -17.16 -6.36 0.08
CA LEU A 107 -17.62 -7.31 -0.92
C LEU A 107 -16.99 -6.99 -2.28
N PRO A 108 -16.75 -8.00 -3.12
CA PRO A 108 -17.16 -9.40 -2.90
C PRO A 108 -16.19 -10.28 -2.10
N LYS A 109 -14.93 -9.91 -1.97
CA LYS A 109 -13.92 -10.88 -1.60
C LYS A 109 -13.24 -10.65 -0.26
N ILE A 110 -13.34 -9.47 0.34
CA ILE A 110 -12.54 -9.16 1.52
C ILE A 110 -13.38 -9.40 2.76
N PRO A 111 -13.04 -10.40 3.59
CA PRO A 111 -13.87 -10.70 4.76
C PRO A 111 -13.67 -9.67 5.86
N SER A 112 -14.52 -9.78 6.88
CA SER A 112 -14.34 -9.02 8.10
C SER A 112 -12.98 -9.31 8.74
N ASN A 113 -12.38 -8.28 9.33
CA ASN A 113 -11.19 -8.43 10.16
C ASN A 113 -10.00 -8.99 9.39
N ALA A 114 -9.86 -8.60 8.12
CA ALA A 114 -8.85 -9.19 7.24
C ALA A 114 -7.52 -8.42 7.28
N THR A 115 -6.44 -9.16 7.47
CA THR A 115 -5.08 -8.65 7.23
C THR A 115 -4.77 -8.87 5.76
N LEU A 116 -4.26 -7.85 5.10
CA LEU A 116 -4.04 -7.85 3.66
C LEU A 116 -2.56 -7.67 3.32
N PHE A 117 -2.15 -8.31 2.23
CA PHE A 117 -0.82 -8.17 1.66
C PHE A 117 -0.94 -7.46 0.31
N PHE A 118 -0.10 -6.45 0.08
CA PHE A 118 -0.01 -5.83 -1.21
C PHE A 118 1.42 -5.75 -1.70
N GLU A 119 1.57 -5.91 -3.02
N GLU A 119 1.58 -5.88 -3.03
CA GLU A 119 2.76 -5.45 -3.74
CA GLU A 119 2.79 -5.45 -3.71
C GLU A 119 2.32 -4.20 -4.50
C GLU A 119 2.42 -4.24 -4.58
N ILE A 120 3.07 -3.11 -4.33
CA ILE A 120 2.70 -1.82 -4.93
C ILE A 120 3.92 -1.23 -5.62
N GLU A 121 3.71 -0.75 -6.84
N GLU A 121 3.72 -0.75 -6.85
CA GLU A 121 4.69 -0.01 -7.64
CA GLU A 121 4.71 -0.01 -7.60
C GLU A 121 4.18 1.42 -7.76
C GLU A 121 4.21 1.41 -7.81
N LEU A 122 4.99 2.39 -7.35
CA LEU A 122 4.66 3.81 -7.55
C LEU A 122 5.19 4.21 -8.92
N LEU A 123 4.28 4.33 -9.87
CA LEU A 123 4.66 4.63 -11.25
C LEU A 123 5.02 6.09 -11.44
N ASP A 124 4.23 6.98 -10.85
CA ASP A 124 4.40 8.41 -11.07
C ASP A 124 3.58 9.14 -10.03
N PHE A 125 3.91 10.41 -9.82
CA PHE A 125 3.11 11.30 -9.02
C PHE A 125 3.23 12.70 -9.61
N LYS A 126 2.15 13.45 -9.53
CA LYS A 126 2.10 14.77 -10.12
C LYS A 126 1.20 15.65 -9.27
N GLY A 127 1.65 16.88 -9.04
CA GLY A 127 0.77 17.87 -8.46
C GLY A 127 -0.13 18.43 -9.54
N GLU A 128 -1.41 18.54 -9.24
CA GLU A 128 -2.40 19.00 -10.23
C GLU A 128 -2.71 20.48 -10.04
CL CL B . 5.60 -15.53 -1.86
NA NA C . 12.09 -12.31 0.89
NA NA D . 11.01 4.85 0.17
N1 NCA E . -10.09 -0.57 -4.86
C2 NCA E . -10.09 -0.01 -3.65
C3 NCA E . -8.97 0.56 -3.05
C4 NCA E . -7.79 0.52 -3.76
C5 NCA E . -7.76 -0.05 -5.01
C6 NCA E . -8.92 -0.59 -5.53
C7 NCA E . -9.04 1.16 -1.69
O7 NCA E . -8.02 1.21 -0.99
N7 NCA E . -10.23 1.64 -1.28
H2 NCA E . -11.07 -0.02 -3.16
H4 NCA E . -6.89 0.94 -3.32
H5 NCA E . -6.83 -0.09 -5.58
H6 NCA E . -8.96 -1.05 -6.51
HN71 NCA E . -11.06 1.59 -1.85
HN72 NCA E . -10.36 2.06 -0.37
N1 NCA F . 8.31 11.54 2.85
C2 NCA F . 7.46 10.75 3.50
C3 NCA F . 7.67 10.29 4.79
C4 NCA F . 8.85 10.69 5.42
C5 NCA F . 9.74 11.51 4.76
C6 NCA F . 9.43 11.92 3.49
C7 NCA F . 6.68 9.38 5.45
O7 NCA F . 7.07 8.57 6.29
N7 NCA F . 5.42 9.50 5.09
H2 NCA F . 6.56 10.49 2.95
H4 NCA F . 9.05 10.36 6.44
H5 NCA F . 10.66 11.83 5.23
H6 NCA F . 10.09 12.57 2.91
HN71 NCA F . 5.10 10.17 4.39
HN72 NCA F . 4.68 8.93 5.48
#